data_6RRV
#
_entry.id   6RRV
#
_cell.length_a   69.660
_cell.length_b   38.130
_cell.length_c   48.620
_cell.angle_alpha   90.00
_cell.angle_beta   118.09
_cell.angle_gamma   90.00
#
_symmetry.space_group_name_H-M   'C 1 2 1'
#
loop_
_entity.id
_entity.type
_entity.pdbx_description
1 polymer 'Regulatory protein SIR4'
2 non-polymer 'CHLORIDE ION'
3 non-polymer 'BROMIDE ION'
4 water water
#
_entity_poly.entity_id   1
_entity_poly.type   'polypeptide(L)'
_entity_poly.pdbx_seq_one_letter_code
;GPKPKNTKENLSKSSWRQEWLANLKLISVSLVDEFPSELSDSDRQIINEKMQLLKDIFANNLKSAISNNFRESDIIILKG
EIEDYPMSSEIKIYYNELQNKPDAKKARFWSFMKTQRFVSNMGFDIQ
;
_entity_poly.pdbx_strand_id   A
#
# COMPACT_ATOMS: atom_id res chain seq x y z
N GLY A 1 5.64 -25.82 14.56
CA GLY A 1 4.35 -26.28 15.02
C GLY A 1 3.41 -26.34 13.85
N PRO A 2 2.18 -26.76 14.09
CA PRO A 2 1.27 -26.91 12.96
C PRO A 2 0.97 -25.56 12.34
N LYS A 3 0.99 -25.55 11.03
CA LYS A 3 0.69 -24.36 10.25
C LYS A 3 -0.80 -24.11 10.23
N PRO A 4 -1.25 -22.88 10.34
CA PRO A 4 -2.69 -22.64 10.17
C PRO A 4 -3.11 -22.96 8.75
N LYS A 5 -4.28 -23.59 8.62
CA LYS A 5 -4.85 -24.03 7.35
C LYS A 5 -6.35 -23.83 7.47
N ASN A 6 -6.89 -22.81 6.83
CA ASN A 6 -8.30 -22.51 6.97
C ASN A 6 -9.12 -23.39 6.03
N THR A 7 -9.66 -24.48 6.58
CA THR A 7 -10.44 -25.43 5.79
C THR A 7 -11.77 -24.88 5.33
N LYS A 8 -12.17 -23.72 5.81
CA LYS A 8 -13.44 -23.15 5.45
C LYS A 8 -13.32 -22.09 4.36
N GLU A 9 -12.10 -21.81 3.90
N GLU A 9 -12.12 -21.85 3.85
CA GLU A 9 -11.92 -20.77 2.89
CA GLU A 9 -11.93 -20.75 2.91
C GLU A 9 -12.65 -21.17 1.60
C GLU A 9 -12.53 -21.09 1.54
N ASN A 10 -13.50 -20.28 1.09
CA ASN A 10 -14.17 -20.58 -0.16
C ASN A 10 -13.26 -20.24 -1.34
N LEU A 11 -13.70 -20.68 -2.51
CA LEU A 11 -12.87 -20.55 -3.71
C LEU A 11 -12.67 -19.09 -4.10
N SER A 12 -13.66 -18.24 -3.85
CA SER A 12 -13.49 -16.81 -4.12
C SER A 12 -12.32 -16.28 -3.34
N LYS A 13 -12.31 -16.53 -2.04
CA LYS A 13 -11.28 -15.96 -1.18
C LYS A 13 -9.93 -16.61 -1.43
N SER A 14 -9.89 -17.93 -1.62
N SER A 14 -9.91 -17.94 -1.56
CA SER A 14 -8.59 -18.56 -1.81
CA SER A 14 -8.65 -18.64 -1.84
C SER A 14 -8.00 -18.20 -3.16
C SER A 14 -8.03 -18.11 -3.12
N SER A 15 -8.84 -17.97 -4.17
CA SER A 15 -8.33 -17.54 -5.45
C SER A 15 -7.84 -16.10 -5.40
N TRP A 16 -8.58 -15.23 -4.70
CA TRP A 16 -8.14 -13.86 -4.47
C TRP A 16 -6.76 -13.84 -3.82
N ARG A 17 -6.57 -14.64 -2.78
N ARG A 17 -6.58 -14.64 -2.77
CA ARG A 17 -5.30 -14.67 -2.06
CA ARG A 17 -5.31 -14.68 -2.05
C ARG A 17 -4.20 -15.19 -2.96
C ARG A 17 -4.19 -15.20 -2.95
N GLN A 18 -4.46 -16.29 -3.67
CA GLN A 18 -3.44 -16.90 -4.54
C GLN A 18 -2.98 -15.91 -5.59
N GLU A 19 -3.93 -15.22 -6.23
CA GLU A 19 -3.56 -14.30 -7.29
C GLU A 19 -2.80 -13.11 -6.73
N TRP A 20 -3.23 -12.57 -5.58
CA TRP A 20 -2.48 -11.49 -4.96
C TRP A 20 -1.05 -11.94 -4.61
N LEU A 21 -0.91 -13.10 -3.97
CA LEU A 21 0.43 -13.53 -3.57
C LEU A 21 1.34 -13.64 -4.77
N ALA A 22 0.85 -14.19 -5.87
CA ALA A 22 1.67 -14.31 -7.06
C ALA A 22 2.00 -12.94 -7.64
N ASN A 23 1.00 -12.07 -7.76
CA ASN A 23 1.20 -10.77 -8.39
C ASN A 23 2.15 -9.89 -7.59
N LEU A 24 2.10 -9.98 -6.27
CA LEU A 24 2.90 -9.10 -5.43
C LEU A 24 4.41 -9.31 -5.62
N LYS A 25 4.80 -10.52 -6.00
CA LYS A 25 6.22 -10.80 -6.21
C LYS A 25 6.75 -10.19 -7.49
N LEU A 26 5.90 -9.60 -8.33
CA LEU A 26 6.29 -9.15 -9.65
C LEU A 26 6.38 -7.63 -9.75
N ILE A 27 5.95 -6.90 -8.72
CA ILE A 27 5.72 -5.47 -8.82
C ILE A 27 6.77 -4.69 -8.06
N SER A 28 6.71 -3.38 -8.24
N SER A 28 6.74 -3.37 -8.26
CA SER A 28 7.42 -2.38 -7.46
CA SER A 28 7.43 -2.41 -7.42
C SER A 28 6.40 -1.60 -6.65
C SER A 28 6.40 -1.62 -6.64
N VAL A 29 6.72 -1.39 -5.37
CA VAL A 29 5.89 -0.64 -4.45
C VAL A 29 6.67 0.57 -3.96
N SER A 30 5.98 1.71 -3.85
CA SER A 30 6.55 2.90 -3.25
C SER A 30 5.80 3.24 -1.99
N LEU A 31 6.52 3.51 -0.94
N LEU A 31 6.56 3.47 -0.90
CA LEU A 31 5.93 4.04 0.29
CA LEU A 31 6.07 4.03 0.37
C LEU A 31 6.34 5.50 0.28
C LEU A 31 6.41 5.52 0.30
N VAL A 32 5.40 6.35 -0.15
N VAL A 32 5.53 6.32 -0.30
CA VAL A 32 5.76 7.71 -0.49
CA VAL A 32 5.92 7.69 -0.63
C VAL A 32 6.10 8.50 0.77
C VAL A 32 6.06 8.53 0.63
N ASP A 33 7.13 9.33 0.67
CA ASP A 33 7.52 10.10 1.86
C ASP A 33 6.65 11.31 2.11
N GLU A 34 6.04 11.88 1.07
CA GLU A 34 5.33 13.15 1.20
C GLU A 34 3.98 13.02 1.91
N PHE A 35 3.77 13.84 2.91
CA PHE A 35 2.49 13.97 3.59
C PHE A 35 1.57 14.88 2.78
N PRO A 36 0.26 14.65 2.83
CA PRO A 36 -0.67 15.52 2.06
C PRO A 36 -0.85 16.89 2.65
N SER A 37 -0.67 17.05 3.94
CA SER A 37 -1.05 18.29 4.62
C SER A 37 -0.22 18.39 5.90
N GLU A 38 -0.36 19.49 6.58
N GLU A 38 -0.45 19.49 6.61
CA GLU A 38 0.43 19.63 7.79
CA GLU A 38 0.14 19.74 7.92
C GLU A 38 -0.17 18.76 8.90
C GLU A 38 -0.24 18.66 8.92
N LEU A 39 0.71 18.26 9.74
CA LEU A 39 0.41 17.41 10.88
C LEU A 39 1.46 17.69 11.95
N SER A 40 1.10 17.47 13.21
N SER A 40 1.10 17.45 13.20
CA SER A 40 2.05 17.62 14.29
CA SER A 40 2.04 17.65 14.29
C SER A 40 3.19 16.62 14.13
C SER A 40 3.12 16.56 14.28
N ASP A 41 4.31 16.92 14.79
CA ASP A 41 5.47 16.03 14.73
C ASP A 41 5.16 14.61 15.22
N SER A 42 4.45 14.49 16.35
N SER A 42 4.49 14.49 16.36
CA SER A 42 4.25 13.16 16.92
CA SER A 42 4.26 13.16 16.91
C SER A 42 3.29 12.34 16.07
C SER A 42 3.36 12.35 15.98
N ASP A 43 2.33 12.99 15.42
CA ASP A 43 1.40 12.29 14.54
C ASP A 43 2.11 11.84 13.25
N ARG A 44 3.05 12.63 12.76
CA ARG A 44 3.83 12.21 11.60
C ARG A 44 4.70 11.01 11.95
N GLN A 45 5.27 10.97 13.15
CA GLN A 45 6.10 9.83 13.54
C GLN A 45 5.27 8.55 13.57
N ILE A 46 4.04 8.61 14.07
CA ILE A 46 3.16 7.43 14.09
C ILE A 46 2.95 6.92 12.68
N ILE A 47 2.66 7.82 11.73
CA ILE A 47 2.47 7.40 10.34
C ILE A 47 3.76 6.82 9.78
N ASN A 48 4.91 7.45 10.03
N ASN A 48 4.90 7.44 10.06
CA ASN A 48 6.15 6.91 9.50
CA ASN A 48 6.16 6.97 9.52
C ASN A 48 6.41 5.50 10.00
C ASN A 48 6.49 5.57 10.03
N GLU A 49 6.12 5.25 11.27
CA GLU A 49 6.35 3.90 11.79
C GLU A 49 5.44 2.90 11.11
N LYS A 50 4.19 3.28 10.86
N LYS A 50 4.18 3.28 10.85
CA LYS A 50 3.31 2.38 10.15
CA LYS A 50 3.25 2.40 10.14
C LYS A 50 3.81 2.12 8.74
C LYS A 50 3.72 2.14 8.71
N MET A 51 4.26 3.17 8.05
CA MET A 51 4.78 3.00 6.70
C MET A 51 5.98 2.05 6.69
N GLN A 52 6.87 2.15 7.69
CA GLN A 52 7.99 1.24 7.77
C GLN A 52 7.56 -0.20 7.95
N LEU A 53 6.56 -0.43 8.78
CA LEU A 53 6.06 -1.78 8.96
C LEU A 53 5.48 -2.33 7.67
N LEU A 54 4.70 -1.53 6.96
CA LEU A 54 4.18 -1.95 5.67
C LEU A 54 5.33 -2.24 4.70
N LYS A 55 6.36 -1.39 4.68
CA LYS A 55 7.50 -1.61 3.80
C LYS A 55 8.12 -2.97 4.07
N ASP A 56 8.35 -3.29 5.34
CA ASP A 56 8.96 -4.57 5.70
C ASP A 56 8.10 -5.74 5.24
N ILE A 57 6.78 -5.65 5.42
CA ILE A 57 5.90 -6.73 5.00
C ILE A 57 5.93 -6.89 3.48
N PHE A 58 5.82 -5.79 2.75
CA PHE A 58 5.87 -5.90 1.30
C PHE A 58 7.20 -6.46 0.81
N ALA A 59 8.32 -5.99 1.37
CA ALA A 59 9.63 -6.39 0.86
C ALA A 59 9.97 -7.81 1.28
N ASN A 60 9.70 -8.16 2.52
CA ASN A 60 10.22 -9.37 3.11
C ASN A 60 9.23 -10.52 3.06
N ASN A 61 7.95 -10.27 3.25
CA ASN A 61 6.94 -11.31 3.23
C ASN A 61 6.32 -11.46 1.85
N LEU A 62 5.94 -10.35 1.24
CA LEU A 62 5.23 -10.38 -0.04
C LEU A 62 6.17 -10.37 -1.24
N LYS A 63 7.44 -10.04 -1.02
CA LYS A 63 8.54 -10.12 -1.99
C LYS A 63 8.48 -9.04 -3.06
N SER A 64 7.67 -7.99 -2.86
CA SER A 64 7.68 -6.88 -3.82
C SER A 64 9.01 -6.16 -3.81
N ALA A 65 9.34 -5.53 -4.93
CA ALA A 65 10.44 -4.58 -4.95
C ALA A 65 9.97 -3.29 -4.28
N ILE A 66 10.90 -2.58 -3.63
CA ILE A 66 10.60 -1.30 -2.97
C ILE A 66 11.40 -0.22 -3.68
N SER A 67 10.73 0.82 -4.15
CA SER A 67 11.35 1.90 -4.90
C SER A 67 11.20 3.23 -4.19
N ASN A 68 12.13 4.14 -4.48
CA ASN A 68 12.06 5.55 -4.08
C ASN A 68 11.61 6.46 -5.21
N ASN A 69 11.15 5.88 -6.31
CA ASN A 69 10.65 6.60 -7.47
C ASN A 69 9.24 6.11 -7.74
N PHE A 70 8.23 6.86 -7.32
CA PHE A 70 6.88 6.34 -7.44
C PHE A 70 6.40 6.26 -8.87
N ARG A 71 7.06 6.92 -9.82
CA ARG A 71 6.68 6.78 -11.21
C ARG A 71 7.09 5.46 -11.81
N GLU A 72 7.84 4.61 -11.10
CA GLU A 72 8.11 3.26 -11.59
C GLU A 72 7.35 2.19 -10.81
N SER A 73 6.49 2.58 -9.86
CA SER A 73 5.82 1.61 -8.99
C SER A 73 4.39 1.31 -9.44
N ASP A 74 3.99 0.07 -9.21
CA ASP A 74 2.66 -0.42 -9.53
C ASP A 74 1.65 -0.15 -8.43
N ILE A 75 2.10 -0.13 -7.17
CA ILE A 75 1.26 0.22 -6.03
C ILE A 75 2.00 1.31 -5.29
N ILE A 76 1.29 2.41 -5.05
CA ILE A 76 1.83 3.62 -4.46
C ILE A 76 1.09 3.83 -3.15
N ILE A 77 1.80 3.67 -2.04
CA ILE A 77 1.22 3.75 -0.70
C ILE A 77 1.45 5.15 -0.17
N LEU A 78 0.36 5.80 0.21
CA LEU A 78 0.33 7.20 0.58
C LEU A 78 0.14 7.40 2.08
N LYS A 79 0.61 8.54 2.56
CA LYS A 79 0.46 8.95 3.94
C LYS A 79 -0.86 9.66 4.21
N GLY A 80 -1.82 9.53 3.32
CA GLY A 80 -3.19 9.92 3.53
C GLY A 80 -4.00 9.41 2.35
N GLU A 81 -5.25 9.83 2.26
CA GLU A 81 -6.09 9.44 1.15
C GLU A 81 -5.77 10.35 -0.05
N ILE A 82 -6.04 9.87 -1.27
CA ILE A 82 -5.70 10.67 -2.44
C ILE A 82 -6.39 12.03 -2.42
N GLU A 83 -7.64 12.07 -1.94
CA GLU A 83 -8.38 13.34 -1.88
C GLU A 83 -7.75 14.33 -0.92
N ASP A 84 -6.88 13.88 -0.02
CA ASP A 84 -6.20 14.77 0.90
C ASP A 84 -5.08 15.55 0.21
N TYR A 85 -4.56 15.03 -0.92
CA TYR A 85 -3.40 15.65 -1.55
C TYR A 85 -3.83 16.84 -2.40
N PRO A 86 -3.16 17.98 -2.28
CA PRO A 86 -3.54 19.15 -3.07
C PRO A 86 -3.11 18.99 -4.51
N MET A 87 -3.75 19.77 -5.38
N MET A 87 -3.77 19.75 -5.39
CA MET A 87 -3.40 19.74 -6.79
CA MET A 87 -3.45 19.72 -6.82
C MET A 87 -1.94 20.02 -7.04
C MET A 87 -2.00 20.12 -7.10
N SER A 88 -1.34 20.85 -6.19
CA SER A 88 0.07 21.18 -6.35
C SER A 88 1.01 20.01 -6.09
N SER A 89 0.55 18.95 -5.44
CA SER A 89 1.41 17.82 -5.14
C SER A 89 1.62 16.97 -6.38
N GLU A 90 2.85 16.52 -6.58
CA GLU A 90 3.11 15.63 -7.70
C GLU A 90 2.31 14.32 -7.59
N ILE A 91 1.99 13.88 -6.37
N ILE A 91 2.02 13.87 -6.36
CA ILE A 91 1.18 12.68 -6.21
CA ILE A 91 1.17 12.68 -6.19
C ILE A 91 -0.17 12.87 -6.88
C ILE A 91 -0.14 12.90 -6.93
N LYS A 92 -0.75 14.05 -6.69
CA LYS A 92 -2.03 14.36 -7.29
C LYS A 92 -1.89 14.62 -8.78
N ILE A 93 -0.80 15.28 -9.20
CA ILE A 93 -0.58 15.53 -10.64
C ILE A 93 -0.47 14.20 -11.39
N TYR A 94 0.31 13.27 -10.85
CA TYR A 94 0.49 11.96 -11.49
C TYR A 94 -0.81 11.16 -11.47
N TYR A 95 -1.49 11.12 -10.32
CA TYR A 95 -2.81 10.50 -10.25
C TYR A 95 -3.72 11.03 -11.35
N ASN A 96 -3.73 12.34 -11.56
CA ASN A 96 -4.58 12.92 -12.59
C ASN A 96 -4.11 12.52 -13.99
N GLU A 97 -2.80 12.41 -14.23
CA GLU A 97 -2.29 11.95 -15.53
C GLU A 97 -2.79 10.56 -15.86
N LEU A 98 -3.02 9.73 -14.85
CA LEU A 98 -3.42 8.35 -15.04
C LEU A 98 -4.93 8.15 -15.05
N GLN A 99 -5.70 9.12 -14.58
CA GLN A 99 -7.10 8.86 -14.22
C GLN A 99 -7.89 8.35 -15.42
N ASN A 100 -7.68 8.95 -16.58
CA ASN A 100 -8.43 8.58 -17.76
C ASN A 100 -7.64 7.69 -18.69
N LYS A 101 -6.54 7.11 -18.23
CA LYS A 101 -5.87 6.09 -19.02
C LYS A 101 -6.72 4.85 -18.93
N PRO A 102 -7.38 4.43 -20.01
CA PRO A 102 -8.03 3.11 -19.90
C PRO A 102 -6.93 2.07 -20.11
N ASP A 103 -6.21 1.79 -19.02
CA ASP A 103 -5.04 0.93 -19.06
C ASP A 103 -5.05 0.14 -17.75
N ALA A 104 -5.45 -1.13 -17.82
CA ALA A 104 -5.49 -2.01 -16.66
C ALA A 104 -4.12 -2.21 -16.01
N LYS A 105 -3.05 -1.78 -16.67
CA LYS A 105 -1.69 -1.92 -16.16
C LYS A 105 -1.27 -0.73 -15.33
N LYS A 106 -2.13 0.27 -15.14
CA LYS A 106 -1.63 1.49 -14.54
C LYS A 106 -1.52 1.39 -13.02
N ALA A 107 -0.79 2.34 -12.46
CA ALA A 107 -0.50 2.32 -11.02
C ALA A 107 -1.76 2.57 -10.21
N ARG A 108 -1.76 2.00 -9.01
CA ARG A 108 -2.83 2.17 -8.04
C ARG A 108 -2.29 2.89 -6.82
N PHE A 109 -3.14 3.75 -6.25
CA PHE A 109 -2.77 4.62 -5.15
C PHE A 109 -3.62 4.20 -3.97
N TRP A 110 -2.97 3.79 -2.87
CA TRP A 110 -3.66 3.32 -1.67
C TRP A 110 -3.17 4.10 -0.47
N SER A 111 -4.07 4.60 0.36
CA SER A 111 -3.61 5.16 1.63
C SER A 111 -3.01 4.06 2.49
N PHE A 112 -2.22 4.46 3.50
CA PHE A 112 -1.69 3.49 4.43
C PHE A 112 -2.79 2.77 5.17
N MET A 113 -3.91 3.43 5.45
N MET A 113 -3.94 3.41 5.39
CA MET A 113 -5.03 2.76 6.10
CA MET A 113 -5.03 2.75 6.10
C MET A 113 -5.62 1.67 5.21
C MET A 113 -5.70 1.69 5.23
N LYS A 114 -5.88 1.99 3.93
CA LYS A 114 -6.39 0.96 3.03
C LYS A 114 -5.39 -0.18 2.91
N THR A 115 -4.11 0.16 2.86
CA THR A 115 -3.06 -0.86 2.71
C THR A 115 -3.01 -1.76 3.94
N GLN A 116 -3.11 -1.19 5.14
CA GLN A 116 -3.09 -1.99 6.35
C GLN A 116 -4.24 -2.99 6.35
N ARG A 117 -5.44 -2.56 5.91
N ARG A 117 -5.41 -2.59 5.89
CA ARG A 117 -6.59 -3.46 5.82
CA ARG A 117 -6.50 -3.56 5.91
C ARG A 117 -6.29 -4.64 4.90
C ARG A 117 -6.24 -4.68 4.91
N PHE A 118 -5.70 -4.34 3.74
CA PHE A 118 -5.33 -5.38 2.77
C PHE A 118 -4.31 -6.35 3.37
N VAL A 119 -3.26 -5.85 3.98
CA VAL A 119 -2.23 -6.72 4.54
C VAL A 119 -2.82 -7.60 5.64
N SER A 120 -3.70 -7.03 6.47
CA SER A 120 -4.35 -7.82 7.49
C SER A 120 -5.15 -8.96 6.86
N ASN A 121 -5.87 -8.65 5.79
CA ASN A 121 -6.66 -9.66 5.09
C ASN A 121 -5.80 -10.69 4.39
N MET A 122 -4.55 -10.36 4.10
CA MET A 122 -3.59 -11.33 3.57
C MET A 122 -2.97 -12.19 4.66
N GLY A 123 -3.32 -12.00 5.93
CA GLY A 123 -2.92 -12.90 6.99
C GLY A 123 -1.89 -12.38 7.95
N PHE A 124 -1.61 -11.09 7.96
CA PHE A 124 -0.60 -10.54 8.83
C PHE A 124 -1.24 -9.82 9.99
N ASP A 125 -0.57 -9.89 11.13
N ASP A 125 -0.63 -9.96 11.16
CA ASP A 125 -1.02 -9.21 12.34
CA ASP A 125 -1.05 -9.20 12.33
C ASP A 125 -0.50 -7.77 12.30
C ASP A 125 -0.50 -7.79 12.17
N ILE A 126 -1.40 -6.84 11.98
CA ILE A 126 -1.05 -5.45 11.81
C ILE A 126 -2.19 -4.64 12.44
N GLN A 127 -1.86 -3.83 13.46
CA GLN A 127 -2.78 -2.92 14.13
C GLN A 127 -4.26 -3.34 14.15
#